data_7TEU
#
_entry.id   7TEU
#
_cell.length_a   107.472
_cell.length_b   69.358
_cell.length_c   51.509
_cell.angle_alpha   90.000
_cell.angle_beta   99.260
_cell.angle_gamma   90.000
#
_symmetry.space_group_name_H-M   'C 1 2 1'
#
loop_
_entity.id
_entity.type
_entity.pdbx_description
1 polymer 'Tyrosine-protein kinase JAK2'
2 non-polymer 3-{(4S)-2-[(cyclopropanecarbonyl)amino]imidazo[1,2-b]pyridazin-6-yl}-N-{3-[(4-ethylpiperazin-1-yl)methyl]-5-(trifluoromethyl)phenyl}-4-methylbenzamide
3 non-polymer GLYCEROL
4 water water
#
_entity_poly.entity_id   1
_entity_poly.type   'polypeptide(L)'
_entity_poly.pdbx_seq_one_letter_code
;MGSSHHHHHHSSGLVPRGSHMEDRDPTQFEERHLKFLQQLGKGNFGSVEMCRYDPLQDNTGEVVAVKKLQHSTEEHLRDF
EREIEILKSLQHDNIVKYKGVCYSAGRRNLKLIMEYLPYGSLRDYLQKHKERIDHIKLLQYTSQICKGMEYLGTKRYIHR
DLATRNILVENENRVKIGDFGLTKVLPQDKEFFKVKEPGESPIFWYAPESLTESKFSVASDVWSFGVVLYELFTYIEKSK
SPPAEFMRMIGNDKQGQMIVFHLIELLKNNGRLPRPDGCPDEIYMIMTECWNNNVNQRPSFRDLALRVDQIRDNMAG
;
_entity_poly.pdbx_strand_id   A
#
loop_
_chem_comp.id
_chem_comp.type
_chem_comp.name
_chem_comp.formula
GOL non-polymer GLYCEROL 'C3 H8 O3'
I6C non-polymer 3-{(4S)-2-[(cyclopropanecarbonyl)amino]imidazo[1,2-b]pyridazin-6-yl}-N-{3-[(4-ethylpiperazin-1-yl)methyl]-5-(trifluoromethyl)phenyl}-4-methylbenzamide 'C32 H34 F3 N7 O2'
#
# COMPACT_ATOMS: atom_id res chain seq x y z
N GLN A 28 19.88 11.94 17.22
CA GLN A 28 18.56 12.43 16.81
C GLN A 28 17.45 11.79 17.64
N PHE A 29 17.57 10.48 17.91
CA PHE A 29 16.56 9.74 18.67
C PHE A 29 17.28 8.80 19.63
N GLU A 30 17.41 9.23 20.88
CA GLU A 30 18.09 8.44 21.89
C GLU A 30 17.10 7.47 22.51
N GLU A 31 17.49 6.21 22.60
CA GLU A 31 16.62 5.18 23.18
C GLU A 31 16.07 5.60 24.54
N ARG A 32 16.85 6.37 25.30
CA ARG A 32 16.44 6.80 26.63
C ARG A 32 15.14 7.61 26.60
N HIS A 33 14.91 8.38 25.54
CA HIS A 33 13.78 9.29 25.47
C HIS A 33 12.63 8.77 24.60
N LEU A 34 12.74 7.55 24.09
CA LEU A 34 11.70 6.96 23.25
C LEU A 34 10.83 6.08 24.14
N LYS A 35 9.59 6.51 24.38
CA LYS A 35 8.72 5.90 25.38
C LYS A 35 7.56 5.19 24.70
N PHE A 36 7.31 3.94 25.09
CA PHE A 36 6.26 3.14 24.50
C PHE A 36 4.88 3.72 24.80
N LEU A 37 4.04 3.78 23.77
CA LEU A 37 2.62 4.12 23.95
C LEU A 37 1.68 2.98 23.62
N GLN A 38 1.93 2.26 22.54
CA GLN A 38 0.94 1.31 22.07
C GLN A 38 1.60 0.37 21.07
N GLN A 39 1.18 -0.89 21.10
CA GLN A 39 1.63 -1.88 20.12
C GLN A 39 0.75 -1.79 18.88
N LEU A 40 1.37 -1.64 17.73
CA LEU A 40 0.68 -1.62 16.44
C LEU A 40 0.91 -2.99 15.76
N GLY A 41 1.24 -3.05 14.48
CA GLY A 41 1.32 -4.34 13.80
C GLY A 41 2.54 -5.16 14.19
N LYS A 42 2.43 -6.47 13.95
CA LYS A 42 3.51 -7.41 14.22
C LYS A 42 3.47 -8.52 13.18
N GLY A 43 4.65 -8.96 12.75
CA GLY A 43 4.79 -10.08 11.84
C GLY A 43 6.11 -10.77 12.09
N ASN A 44 6.41 -11.76 11.25
CA ASN A 44 7.64 -12.53 11.45
C ASN A 44 8.89 -11.72 11.15
N PHE A 45 8.80 -10.67 10.32
CA PHE A 45 9.98 -9.90 9.95
C PHE A 45 10.18 -8.67 10.84
N GLY A 46 9.11 -7.95 11.16
CA GLY A 46 9.23 -6.75 11.97
C GLY A 46 7.96 -6.47 12.74
N SER A 47 8.04 -5.45 13.61
CA SER A 47 6.91 -5.04 14.41
C SER A 47 6.91 -3.52 14.52
N VAL A 48 5.73 -2.93 14.67
CA VAL A 48 5.56 -1.48 14.72
C VAL A 48 4.91 -1.09 16.05
N GLU A 49 5.42 -0.03 16.66
CA GLU A 49 4.89 0.51 17.91
C GLU A 49 4.65 2.01 17.79
N MET A 50 3.59 2.48 18.44
CA MET A 50 3.47 3.90 18.78
C MET A 50 4.37 4.26 19.94
N CYS A 51 5.16 5.30 19.78
CA CYS A 51 6.03 5.79 20.83
C CYS A 51 5.92 7.30 20.92
N ARG A 52 6.35 7.85 22.05
CA ARG A 52 6.46 9.28 22.23
C ARG A 52 7.94 9.57 22.41
N TYR A 53 8.45 10.56 21.68
CA TYR A 53 9.84 10.97 21.84
C TYR A 53 9.88 12.20 22.74
N ASP A 54 10.41 12.03 23.95
CA ASP A 54 10.29 13.02 25.03
C ASP A 54 11.68 13.40 25.53
N PRO A 55 12.42 14.19 24.75
CA PRO A 55 13.79 14.54 25.16
C PRO A 55 13.82 15.46 26.37
N LEU A 56 12.81 16.31 26.55
CA LEU A 56 12.74 17.20 27.70
C LEU A 56 12.31 16.49 28.97
N GLN A 57 11.89 15.22 28.87
CA GLN A 57 11.50 14.41 30.03
C GLN A 57 10.32 15.01 30.79
N ASP A 58 9.43 15.73 30.09
CA ASP A 58 8.31 16.42 30.71
C ASP A 58 6.97 15.73 30.44
N ASN A 59 6.99 14.44 30.10
CA ASN A 59 5.80 13.67 29.76
C ASN A 59 5.08 14.19 28.52
N THR A 60 5.78 14.95 27.68
CA THR A 60 5.22 15.36 26.40
C THR A 60 6.08 14.83 25.25
N GLY A 61 6.05 15.48 24.11
CA GLY A 61 6.85 15.07 22.97
C GLY A 61 6.00 14.57 21.82
N GLU A 62 6.65 14.47 20.67
CA GLU A 62 5.97 14.07 19.45
C GLU A 62 5.68 12.57 19.44
N VAL A 63 4.53 12.20 18.92
CA VAL A 63 4.14 10.80 18.75
C VAL A 63 4.68 10.32 17.42
N VAL A 64 5.33 9.15 17.43
CA VAL A 64 5.98 8.58 16.24
C VAL A 64 5.61 7.11 16.11
N ALA A 65 5.77 6.58 14.91
CA ALA A 65 5.61 5.15 14.64
C ALA A 65 7.00 4.55 14.46
N VAL A 66 7.26 3.44 15.15
CA VAL A 66 8.60 2.86 15.27
C VAL A 66 8.58 1.43 14.77
N LYS A 67 9.47 1.10 13.83
CA LYS A 67 9.63 -0.25 13.32
C LYS A 67 10.95 -0.82 13.81
N LYS A 68 10.91 -2.07 14.25
CA LYS A 68 12.15 -2.77 14.59
C LYS A 68 12.11 -4.16 13.98
N LEU A 69 13.29 -4.77 13.86
CA LEU A 69 13.39 -6.11 13.29
C LEU A 69 13.17 -7.16 14.37
N GLN A 70 12.50 -8.25 13.98
CA GLN A 70 12.36 -9.37 14.89
C GLN A 70 13.67 -10.12 15.05
N HIS A 71 14.38 -10.33 13.94
CA HIS A 71 15.57 -11.18 13.93
C HIS A 71 16.59 -10.53 13.01
N SER A 72 17.63 -9.94 13.59
CA SER A 72 18.62 -9.17 12.84
C SER A 72 19.68 -10.09 12.20
N THR A 73 19.22 -10.94 11.29
CA THR A 73 20.16 -11.73 10.52
C THR A 73 20.90 -10.83 9.54
N GLU A 74 21.95 -11.36 8.94
CA GLU A 74 22.70 -10.57 7.96
C GLU A 74 21.78 -10.09 6.85
N GLU A 75 20.91 -10.97 6.35
CA GLU A 75 20.04 -10.59 5.24
C GLU A 75 18.93 -9.66 5.70
N HIS A 76 18.35 -9.91 6.87
CA HIS A 76 17.26 -9.06 7.34
C HIS A 76 17.74 -7.66 7.64
N LEU A 77 18.92 -7.53 8.25
CA LEU A 77 19.47 -6.21 8.54
C LEU A 77 19.84 -5.47 7.27
N ARG A 78 20.38 -6.20 6.28
CA ARG A 78 20.66 -5.57 4.98
C ARG A 78 19.37 -5.04 4.36
N ASP A 79 18.31 -5.85 4.38
CA ASP A 79 17.01 -5.41 3.86
C ASP A 79 16.50 -4.20 4.63
N PHE A 80 16.65 -4.19 5.95
CA PHE A 80 16.15 -3.09 6.76
C PHE A 80 16.96 -1.82 6.48
N GLU A 81 18.27 -1.97 6.37
CA GLU A 81 19.10 -0.82 6.02
C GLU A 81 18.73 -0.25 4.65
N ARG A 82 18.39 -1.12 3.69
CA ARG A 82 17.96 -0.64 2.37
C ARG A 82 16.62 0.08 2.47
N GLU A 83 15.70 -0.46 3.28
CA GLU A 83 14.44 0.25 3.55
C GLU A 83 14.69 1.65 4.10
N ILE A 84 15.62 1.76 5.05
CA ILE A 84 15.92 3.07 5.62
C ILE A 84 16.49 4.03 4.57
N GLU A 85 17.40 3.53 3.72
CA GLU A 85 17.96 4.40 2.68
C GLU A 85 16.91 4.83 1.67
N ILE A 86 15.99 3.92 1.30
CA ILE A 86 14.89 4.30 0.41
C ILE A 86 14.06 5.40 1.05
N LEU A 87 13.65 5.19 2.30
CA LEU A 87 12.77 6.16 2.95
C LEU A 87 13.44 7.51 3.13
N LYS A 88 14.74 7.51 3.44
CA LYS A 88 15.50 8.76 3.56
C LYS A 88 15.39 9.62 2.31
N SER A 89 15.29 8.99 1.13
CA SER A 89 15.33 9.71 -0.14
C SER A 89 13.95 10.20 -0.60
N LEU A 90 12.86 9.85 0.08
CA LEU A 90 11.52 10.11 -0.40
C LEU A 90 10.89 11.22 0.42
N GLN A 91 10.47 12.30 -0.24
CA GLN A 91 9.76 13.39 0.40
C GLN A 91 8.64 13.86 -0.52
N HIS A 92 7.40 13.51 -0.20
CA HIS A 92 6.23 13.89 -0.98
C HIS A 92 5.02 13.81 -0.07
N ASP A 93 4.05 14.69 -0.32
CA ASP A 93 2.86 14.77 0.50
C ASP A 93 2.10 13.45 0.58
N ASN A 94 2.19 12.60 -0.45
CA ASN A 94 1.43 11.35 -0.48
C ASN A 94 2.32 10.13 -0.36
N ILE A 95 3.47 10.28 0.29
CA ILE A 95 4.37 9.18 0.65
C ILE A 95 4.66 9.29 2.14
N VAL A 96 4.68 8.15 2.82
CA VAL A 96 4.99 8.12 4.26
C VAL A 96 6.26 8.90 4.55
N LYS A 97 6.28 9.58 5.71
CA LYS A 97 7.33 10.53 6.05
C LYS A 97 8.34 9.92 7.02
N TYR A 98 9.59 9.86 6.60
CA TYR A 98 10.69 9.35 7.41
C TYR A 98 11.13 10.40 8.43
N LYS A 99 11.46 9.94 9.64
CA LYS A 99 11.99 10.81 10.69
C LYS A 99 13.43 10.50 11.08
N GLY A 100 13.78 9.23 11.23
CA GLY A 100 15.17 8.91 11.61
C GLY A 100 15.30 7.47 12.07
N VAL A 101 16.42 7.18 12.75
CA VAL A 101 16.69 5.88 13.32
C VAL A 101 17.06 6.02 14.79
N CYS A 102 16.91 4.92 15.52
CA CYS A 102 17.33 4.92 16.92
C CYS A 102 17.97 3.58 17.24
N TYR A 103 19.10 3.63 17.94
CA TYR A 103 19.84 2.43 18.31
C TYR A 103 19.51 2.06 19.74
N SER A 104 19.14 0.80 19.96
CA SER A 104 18.82 0.27 21.27
C SER A 104 19.78 -0.88 21.61
N ALA A 105 19.66 -1.37 22.85
CA ALA A 105 20.48 -2.48 23.34
C ALA A 105 21.96 -2.13 23.33
N GLY A 106 22.29 -0.99 23.94
CA GLY A 106 23.66 -0.52 23.86
C GLY A 106 24.16 -0.44 22.43
N ARG A 107 23.33 0.10 21.53
CA ARG A 107 23.66 0.29 20.13
C ARG A 107 23.92 -0.99 19.36
N ARG A 108 23.25 -2.08 19.76
CA ARG A 108 23.38 -3.34 19.04
C ARG A 108 22.07 -3.77 18.41
N ASN A 109 21.10 -2.87 18.33
CA ASN A 109 19.82 -3.09 17.65
C ASN A 109 19.44 -1.81 16.92
N LEU A 110 18.65 -1.94 15.87
CA LEU A 110 18.34 -0.80 15.01
C LEU A 110 16.82 -0.67 14.89
N LYS A 111 16.32 0.56 15.02
CA LYS A 111 14.89 0.84 14.92
C LYS A 111 14.65 2.05 14.00
N LEU A 112 13.55 2.02 13.25
CA LEU A 112 13.24 3.07 12.28
C LEU A 112 12.07 3.92 12.79
N ILE A 113 12.22 5.24 12.70
CA ILE A 113 11.28 6.20 13.26
C ILE A 113 10.57 6.90 12.12
N MET A 114 9.24 6.87 12.12
CA MET A 114 8.41 7.49 11.08
C MET A 114 7.35 8.39 11.69
N GLU A 115 6.84 9.32 10.88
CA GLU A 115 5.66 10.10 11.27
C GLU A 115 4.45 9.17 11.45
N TYR A 116 3.75 9.34 12.57
CA TYR A 116 2.57 8.52 12.90
C TYR A 116 1.32 9.05 12.20
N LEU A 117 0.60 8.15 11.54
CA LEU A 117 -0.65 8.51 10.85
C LEU A 117 -1.83 7.90 11.58
N PRO A 118 -2.72 8.70 12.17
CA PRO A 118 -3.68 8.16 13.14
C PRO A 118 -4.64 7.11 12.63
N TYR A 119 -5.01 7.15 11.35
CA TYR A 119 -6.09 6.27 10.88
C TYR A 119 -5.59 4.98 10.28
N GLY A 120 -4.27 4.76 10.25
CA GLY A 120 -3.80 3.44 9.86
C GLY A 120 -4.04 3.16 8.39
N SER A 121 -4.22 1.89 8.07
CA SER A 121 -4.32 1.51 6.66
C SER A 121 -5.64 1.98 6.07
N LEU A 122 -5.58 2.34 4.79
CA LEU A 122 -6.79 2.69 4.05
C LEU A 122 -7.75 1.52 3.99
N ARG A 123 -7.24 0.30 3.96
CA ARG A 123 -8.11 -0.87 3.96
C ARG A 123 -8.97 -0.89 5.21
N ASP A 124 -8.37 -0.59 6.37
CA ASP A 124 -9.14 -0.57 7.62
C ASP A 124 -10.01 0.67 7.72
N TYR A 125 -9.49 1.83 7.29
CA TYR A 125 -10.26 3.07 7.35
C TYR A 125 -11.55 2.98 6.54
N LEU A 126 -11.49 2.35 5.36
CA LEU A 126 -12.68 2.23 4.51
C LEU A 126 -13.76 1.37 5.18
N GLN A 127 -13.35 0.32 5.89
CA GLN A 127 -14.31 -0.54 6.58
C GLN A 127 -14.90 0.15 7.80
N LYS A 128 -14.08 0.90 8.53
CA LYS A 128 -14.52 1.46 9.79
C LYS A 128 -15.21 2.82 9.66
N HIS A 129 -15.02 3.53 8.56
CA HIS A 129 -15.49 4.91 8.49
C HIS A 129 -16.29 5.17 7.22
N LYS A 130 -17.08 4.17 6.81
CA LYS A 130 -17.96 4.33 5.66
C LYS A 130 -18.82 5.58 5.77
N GLU A 131 -19.19 5.95 7.00
CA GLU A 131 -20.05 7.12 7.20
C GLU A 131 -19.41 8.41 6.69
N ARG A 132 -18.08 8.43 6.56
CA ARG A 132 -17.30 9.60 6.16
C ARG A 132 -16.90 9.57 4.70
N ILE A 133 -17.34 8.57 3.94
CA ILE A 133 -16.75 8.30 2.63
C ILE A 133 -17.86 8.23 1.59
N ASP A 134 -17.68 8.98 0.50
CA ASP A 134 -18.52 8.96 -0.68
C ASP A 134 -17.61 8.92 -1.90
N HIS A 135 -18.21 8.96 -3.10
CA HIS A 135 -17.39 8.77 -4.29
C HIS A 135 -16.41 9.91 -4.53
N ILE A 136 -16.81 11.14 -4.21
CA ILE A 136 -15.86 12.25 -4.31
C ILE A 136 -14.64 11.98 -3.46
N LYS A 137 -14.85 11.44 -2.25
CA LYS A 137 -13.73 11.14 -1.36
C LYS A 137 -12.84 10.05 -1.94
N LEU A 138 -13.45 8.99 -2.46
CA LEU A 138 -12.69 7.91 -3.06
C LEU A 138 -11.82 8.43 -4.20
N LEU A 139 -12.36 9.36 -5.01
CA LEU A 139 -11.56 9.89 -6.10
C LEU A 139 -10.47 10.84 -5.62
N GLN A 140 -10.70 11.55 -4.51
CA GLN A 140 -9.62 12.31 -3.90
C GLN A 140 -8.48 11.40 -3.48
N TYR A 141 -8.78 10.27 -2.83
CA TYR A 141 -7.73 9.34 -2.44
C TYR A 141 -7.06 8.76 -3.67
N THR A 142 -7.84 8.43 -4.70
CA THR A 142 -7.28 7.89 -5.95
C THR A 142 -6.27 8.86 -6.54
N SER A 143 -6.62 10.15 -6.59
CA SER A 143 -5.74 11.18 -7.14
C SER A 143 -4.43 11.24 -6.36
N GLN A 144 -4.52 11.22 -5.02
CA GLN A 144 -3.33 11.29 -4.18
C GLN A 144 -2.43 10.07 -4.36
N ILE A 145 -3.03 8.88 -4.50
CA ILE A 145 -2.24 7.69 -4.78
C ILE A 145 -1.52 7.84 -6.11
N CYS A 146 -2.22 8.34 -7.13
CA CYS A 146 -1.56 8.52 -8.43
C CYS A 146 -0.39 9.49 -8.33
N LYS A 147 -0.56 10.56 -7.57
CA LYS A 147 0.49 11.56 -7.45
C LYS A 147 1.68 10.99 -6.67
N GLY A 148 1.44 10.23 -5.61
CA GLY A 148 2.54 9.56 -4.94
C GLY A 148 3.29 8.61 -5.86
N MET A 149 2.55 7.89 -6.72
CA MET A 149 3.20 6.98 -7.67
C MET A 149 3.96 7.74 -8.75
N GLU A 150 3.45 8.88 -9.22
CA GLU A 150 4.25 9.72 -10.12
C GLU A 150 5.57 10.07 -9.47
N TYR A 151 5.52 10.47 -8.19
CA TYR A 151 6.74 10.82 -7.48
C TYR A 151 7.69 9.64 -7.42
N LEU A 152 7.18 8.45 -7.04
CA LEU A 152 8.07 7.30 -6.94
C LEU A 152 8.76 6.99 -8.25
N GLY A 153 8.06 7.19 -9.38
CA GLY A 153 8.68 6.96 -10.67
C GLY A 153 9.86 7.89 -10.93
N THR A 154 9.78 9.12 -10.41
CA THR A 154 10.92 10.04 -10.59
C THR A 154 12.12 9.62 -9.78
N LYS A 155 11.92 8.82 -8.74
CA LYS A 155 13.00 8.22 -7.96
C LYS A 155 13.41 6.86 -8.50
N ARG A 156 12.85 6.45 -9.64
CA ARG A 156 13.15 5.16 -10.27
C ARG A 156 12.84 4.02 -9.32
N TYR A 157 11.80 4.18 -8.51
CA TYR A 157 11.42 3.21 -7.51
C TYR A 157 10.19 2.45 -8.00
N ILE A 158 10.27 1.12 -8.00
CA ILE A 158 9.18 0.23 -8.36
C ILE A 158 8.59 -0.31 -7.06
N HIS A 159 7.30 -0.06 -6.83
CA HIS A 159 6.72 -0.34 -5.52
C HIS A 159 6.47 -1.83 -5.31
N ARG A 160 5.84 -2.50 -6.29
CA ARG A 160 5.46 -3.91 -6.28
C ARG A 160 4.25 -4.25 -5.40
N ASP A 161 4.09 -3.53 -4.29
CA ASP A 161 3.18 -3.93 -3.22
C ASP A 161 1.98 -2.99 -3.10
N LEU A 162 1.61 -2.32 -4.18
CA LEU A 162 0.53 -1.35 -4.09
C LEU A 162 -0.79 -2.09 -3.86
N ALA A 163 -1.51 -1.70 -2.81
CA ALA A 163 -2.71 -2.34 -2.31
C ALA A 163 -3.22 -1.47 -1.17
N THR A 164 -4.53 -1.48 -0.90
CA THR A 164 -4.99 -0.57 0.15
C THR A 164 -4.42 -0.90 1.52
N ARG A 165 -3.98 -2.15 1.74
CA ARG A 165 -3.32 -2.49 3.00
C ARG A 165 -2.04 -1.71 3.21
N ASN A 166 -1.46 -1.14 2.14
CA ASN A 166 -0.17 -0.46 2.21
C ASN A 166 -0.31 1.04 2.00
N ILE A 167 -1.54 1.55 1.96
CA ILE A 167 -1.78 2.98 1.89
C ILE A 167 -2.27 3.39 3.27
N LEU A 168 -1.75 4.49 3.78
CA LEU A 168 -2.06 4.93 5.15
C LEU A 168 -2.84 6.24 5.12
N VAL A 169 -3.60 6.47 6.18
CA VAL A 169 -4.55 7.57 6.23
C VAL A 169 -4.14 8.54 7.33
N GLU A 170 -3.80 9.77 6.96
CA GLU A 170 -3.47 10.78 7.95
C GLU A 170 -4.72 11.41 8.53
N ASN A 171 -5.67 11.74 7.66
CA ASN A 171 -6.95 12.33 8.05
C ASN A 171 -7.88 12.14 6.88
N GLU A 172 -9.12 12.64 7.01
CA GLU A 172 -10.10 12.36 5.96
C GLU A 172 -9.72 12.99 4.63
N ASN A 173 -8.72 13.88 4.59
CA ASN A 173 -8.32 14.53 3.35
C ASN A 173 -6.93 14.14 2.84
N ARG A 174 -6.26 13.18 3.47
CA ARG A 174 -4.86 12.94 3.10
C ARG A 174 -4.49 11.48 3.32
N VAL A 175 -4.05 10.81 2.25
CA VAL A 175 -3.50 9.46 2.32
C VAL A 175 -2.06 9.49 1.85
N LYS A 176 -1.29 8.49 2.29
CA LYS A 176 0.12 8.39 1.97
C LYS A 176 0.48 6.94 1.64
N ILE A 177 1.20 6.73 0.55
CA ILE A 177 1.65 5.40 0.18
C ILE A 177 2.79 4.99 1.09
N GLY A 178 2.71 3.75 1.59
CA GLY A 178 3.83 3.12 2.27
C GLY A 178 3.98 1.67 1.87
N ASP A 179 4.62 0.88 2.73
CA ASP A 179 4.76 -0.55 2.50
C ASP A 179 5.16 -1.16 3.83
N PHE A 180 4.20 -1.80 4.52
CA PHE A 180 4.47 -2.19 5.90
C PHE A 180 5.59 -3.22 5.99
N GLY A 181 5.54 -4.25 5.15
CA GLY A 181 6.56 -5.27 5.08
C GLY A 181 6.94 -5.85 6.43
N LEU A 182 5.94 -6.28 7.20
CA LEU A 182 6.18 -6.89 8.50
C LEU A 182 6.27 -8.41 8.44
N THR A 183 5.89 -9.01 7.31
CA THR A 183 6.00 -10.44 7.08
C THR A 183 6.87 -10.64 5.84
N LYS A 184 7.93 -11.43 5.99
CA LYS A 184 8.84 -11.69 4.88
C LYS A 184 9.35 -13.13 4.91
N PRO A 198 -5.18 -18.19 0.83
CA PRO A 198 -5.46 -17.42 -0.38
C PRO A 198 -5.90 -15.99 -0.07
N GLY A 199 -6.74 -15.81 0.95
CA GLY A 199 -7.16 -14.47 1.32
C GLY A 199 -6.03 -13.56 1.71
N GLU A 200 -4.89 -14.11 2.13
CA GLU A 200 -3.73 -13.32 2.48
C GLU A 200 -2.73 -13.16 1.34
N SER A 201 -3.13 -13.48 0.10
CA SER A 201 -2.02 -13.57 -0.83
C SER A 201 -1.89 -12.31 -1.67
N PRO A 202 -0.66 -11.85 -1.84
CA PRO A 202 -0.42 -10.66 -2.66
C PRO A 202 -0.59 -10.90 -4.14
N ILE A 203 -0.69 -12.15 -4.59
CA ILE A 203 -0.71 -12.44 -6.02
C ILE A 203 -1.91 -11.83 -6.71
N PHE A 204 -2.96 -11.54 -5.96
CA PHE A 204 -4.20 -11.05 -6.57
C PHE A 204 -4.14 -9.59 -6.98
N TRP A 205 -3.00 -8.93 -6.72
CA TRP A 205 -2.72 -7.59 -7.19
C TRP A 205 -1.70 -7.56 -8.32
N TYR A 206 -1.11 -8.70 -8.68
CA TYR A 206 0.05 -8.72 -9.56
C TYR A 206 -0.35 -8.79 -11.03
N ALA A 207 0.41 -8.07 -11.87
CA ALA A 207 0.22 -8.12 -13.30
C ALA A 207 0.59 -9.51 -13.84
N PRO A 208 0.01 -9.89 -14.99
CA PRO A 208 0.30 -11.25 -15.52
C PRO A 208 1.78 -11.52 -15.74
N GLU A 209 2.53 -10.53 -16.24
CA GLU A 209 3.97 -10.74 -16.48
C GLU A 209 4.78 -10.76 -15.20
N SER A 210 4.23 -10.25 -14.10
CA SER A 210 4.86 -10.44 -12.80
C SER A 210 4.64 -11.87 -12.31
N LEU A 211 3.44 -12.40 -12.53
CA LEU A 211 3.13 -13.78 -12.18
C LEU A 211 3.94 -14.77 -13.00
N THR A 212 4.07 -14.53 -14.31
CA THR A 212 4.70 -15.54 -15.16
C THR A 212 6.20 -15.38 -15.30
N GLU A 213 6.74 -14.18 -15.16
CA GLU A 213 8.15 -13.93 -15.44
C GLU A 213 8.85 -13.17 -14.35
N SER A 214 8.15 -12.84 -13.26
CA SER A 214 8.71 -12.05 -12.16
C SER A 214 9.20 -10.69 -12.63
N LYS A 215 8.54 -10.13 -13.63
CA LYS A 215 8.88 -8.80 -14.16
C LYS A 215 8.02 -7.76 -13.46
N PHE A 216 8.65 -6.96 -12.62
CA PHE A 216 7.99 -5.86 -11.94
C PHE A 216 8.52 -4.55 -12.50
N SER A 217 7.62 -3.63 -12.80
CA SER A 217 7.97 -2.39 -13.48
C SER A 217 6.96 -1.33 -13.07
N VAL A 218 7.21 -0.10 -13.53
CA VAL A 218 6.19 0.95 -13.38
C VAL A 218 4.85 0.47 -13.94
N ALA A 219 4.89 -0.19 -15.11
CA ALA A 219 3.65 -0.64 -15.73
C ALA A 219 2.94 -1.72 -14.92
N SER A 220 3.68 -2.56 -14.20
CA SER A 220 2.99 -3.47 -13.29
C SER A 220 2.47 -2.75 -12.04
N ASP A 221 3.14 -1.68 -11.59
CA ASP A 221 2.52 -0.85 -10.56
C ASP A 221 1.21 -0.24 -11.04
N VAL A 222 1.11 0.10 -12.33
CA VAL A 222 -0.16 0.62 -12.87
C VAL A 222 -1.24 -0.45 -12.83
N TRP A 223 -0.90 -1.70 -13.18
CA TRP A 223 -1.85 -2.79 -13.05
C TRP A 223 -2.36 -2.89 -11.60
N SER A 224 -1.43 -2.91 -10.63
CA SER A 224 -1.82 -3.00 -9.23
C SER A 224 -2.66 -1.80 -8.80
N PHE A 225 -2.33 -0.61 -9.32
CA PHE A 225 -3.17 0.56 -9.04
C PHE A 225 -4.60 0.31 -9.48
N GLY A 226 -4.78 -0.33 -10.64
CA GLY A 226 -6.13 -0.67 -11.06
C GLY A 226 -6.85 -1.52 -10.03
N VAL A 227 -6.14 -2.47 -9.42
CA VAL A 227 -6.73 -3.26 -8.33
C VAL A 227 -7.04 -2.38 -7.11
N VAL A 228 -6.16 -1.43 -6.77
CA VAL A 228 -6.44 -0.50 -5.67
C VAL A 228 -7.73 0.27 -5.95
N LEU A 229 -7.89 0.75 -7.19
CA LEU A 229 -9.09 1.50 -7.53
C LEU A 229 -10.33 0.62 -7.36
N TYR A 230 -10.24 -0.64 -7.79
CA TYR A 230 -11.29 -1.63 -7.53
C TYR A 230 -11.58 -1.75 -6.04
N GLU A 231 -10.53 -1.90 -5.21
CA GLU A 231 -10.72 -2.01 -3.76
C GLU A 231 -11.48 -0.81 -3.21
N LEU A 232 -11.09 0.39 -3.64
CA LEU A 232 -11.77 1.59 -3.17
C LEU A 232 -13.26 1.53 -3.47
N PHE A 233 -13.62 1.15 -4.69
CA PHE A 233 -15.02 1.19 -5.08
C PHE A 233 -15.85 0.00 -4.59
N THR A 234 -15.22 -0.98 -3.94
CA THR A 234 -15.91 -1.99 -3.13
C THR A 234 -16.08 -1.60 -1.67
N TYR A 235 -15.44 -0.52 -1.21
CA TYR A 235 -15.45 -0.11 0.19
C TYR A 235 -14.90 -1.17 1.15
N ILE A 236 -14.12 -2.12 0.65
CA ILE A 236 -13.64 -3.28 1.41
C ILE A 236 -14.82 -4.07 1.97
N GLU A 237 -15.89 -4.16 1.18
CA GLU A 237 -17.01 -5.00 1.55
C GLU A 237 -16.59 -6.46 1.60
N LYS A 238 -17.00 -7.14 2.67
CA LYS A 238 -16.74 -8.58 2.75
C LYS A 238 -17.31 -9.27 1.52
N SER A 239 -16.56 -10.26 1.01
CA SER A 239 -16.85 -11.10 -0.14
C SER A 239 -16.47 -10.45 -1.47
N LYS A 240 -16.10 -9.18 -1.50
CA LYS A 240 -15.83 -8.55 -2.79
C LYS A 240 -14.36 -8.19 -2.98
N SER A 241 -13.50 -8.54 -2.02
CA SER A 241 -12.08 -8.26 -2.13
C SER A 241 -11.49 -9.00 -3.32
N PRO A 242 -10.35 -8.53 -3.85
CA PRO A 242 -9.73 -9.23 -5.00
C PRO A 242 -9.49 -10.71 -4.72
N PRO A 243 -8.93 -11.10 -3.56
CA PRO A 243 -8.77 -12.55 -3.32
C PRO A 243 -10.09 -13.30 -3.33
N ALA A 244 -11.13 -12.75 -2.69
CA ALA A 244 -12.41 -13.47 -2.65
C ALA A 244 -13.01 -13.59 -4.04
N GLU A 245 -12.94 -12.53 -4.84
CA GLU A 245 -13.52 -12.55 -6.17
C GLU A 245 -12.76 -13.49 -7.10
N PHE A 246 -11.43 -13.40 -7.09
CA PHE A 246 -10.66 -14.30 -7.94
C PHE A 246 -10.84 -15.76 -7.53
N MET A 247 -10.85 -16.03 -6.22
CA MET A 247 -11.11 -17.41 -5.79
C MET A 247 -12.48 -17.91 -6.19
N ARG A 248 -13.50 -17.06 -6.17
CA ARG A 248 -14.81 -17.50 -6.65
C ARG A 248 -14.74 -17.84 -8.13
N MET A 249 -14.03 -17.04 -8.92
CA MET A 249 -13.91 -17.33 -10.35
C MET A 249 -13.12 -18.60 -10.61
N ILE A 250 -12.04 -18.84 -9.87
CA ILE A 250 -11.26 -20.03 -10.17
C ILE A 250 -11.80 -21.28 -9.49
N GLY A 251 -12.54 -21.13 -8.41
CA GLY A 251 -13.06 -22.25 -7.66
C GLY A 251 -12.51 -22.24 -6.25
N ASN A 252 -13.39 -22.06 -5.27
CA ASN A 252 -12.93 -21.96 -3.88
C ASN A 252 -12.27 -23.24 -3.39
N ASP A 253 -12.45 -24.35 -4.12
CA ASP A 253 -11.86 -25.62 -3.72
C ASP A 253 -10.35 -25.64 -3.90
N LYS A 254 -9.83 -24.83 -4.84
CA LYS A 254 -8.44 -25.00 -5.28
C LYS A 254 -7.47 -24.50 -4.21
N GLN A 255 -6.33 -25.19 -4.13
CA GLN A 255 -5.34 -24.92 -3.10
C GLN A 255 -3.96 -24.93 -3.71
N GLY A 256 -3.03 -24.26 -3.03
CA GLY A 256 -1.64 -24.33 -3.41
C GLY A 256 -1.35 -23.73 -4.77
N GLN A 257 -0.38 -24.32 -5.46
CA GLN A 257 0.04 -23.78 -6.75
C GLN A 257 -1.07 -23.85 -7.78
N MET A 258 -2.06 -24.71 -7.59
CA MET A 258 -3.17 -24.75 -8.54
C MET A 258 -3.88 -23.40 -8.65
N ILE A 259 -3.93 -22.66 -7.55
CA ILE A 259 -4.51 -21.31 -7.58
C ILE A 259 -3.73 -20.45 -8.56
N VAL A 260 -2.40 -20.47 -8.47
CA VAL A 260 -1.56 -19.64 -9.34
C VAL A 260 -1.74 -20.03 -10.80
N PHE A 261 -1.72 -21.34 -11.08
CA PHE A 261 -1.87 -21.79 -12.47
C PHE A 261 -3.18 -21.29 -13.06
N HIS A 262 -4.26 -21.37 -12.30
CA HIS A 262 -5.56 -20.96 -12.80
C HIS A 262 -5.66 -19.44 -12.92
N LEU A 263 -5.05 -18.71 -11.97
CA LEU A 263 -5.09 -17.25 -12.03
C LEU A 263 -4.36 -16.75 -13.26
N ILE A 264 -3.20 -17.33 -13.56
CA ILE A 264 -2.45 -16.91 -14.74
C ILE A 264 -3.29 -17.15 -16.00
N GLU A 265 -3.86 -18.35 -16.12
CA GLU A 265 -4.64 -18.67 -17.32
C GLU A 265 -5.85 -17.76 -17.44
N LEU A 266 -6.53 -17.50 -16.32
CA LEU A 266 -7.66 -16.58 -16.30
C LEU A 266 -7.27 -15.19 -16.80
N LEU A 267 -6.19 -14.63 -16.26
CA LEU A 267 -5.83 -13.26 -16.61
C LEU A 267 -5.34 -13.16 -18.04
N LYS A 268 -4.60 -14.16 -18.52
CA LYS A 268 -4.05 -14.10 -19.86
C LYS A 268 -5.13 -14.10 -20.90
N ASN A 269 -6.32 -14.61 -20.57
CA ASN A 269 -7.41 -14.71 -21.53
C ASN A 269 -8.61 -13.86 -21.12
N ASN A 270 -8.33 -12.71 -20.52
CA ASN A 270 -9.28 -11.61 -20.37
C ASN A 270 -10.21 -11.77 -19.18
N GLY A 271 -9.94 -12.68 -18.24
CA GLY A 271 -10.74 -12.72 -17.02
C GLY A 271 -10.36 -11.56 -16.12
N ARG A 272 -11.36 -10.90 -15.55
CA ARG A 272 -11.13 -9.67 -14.79
C ARG A 272 -12.10 -9.57 -13.63
N LEU A 273 -11.68 -8.84 -12.61
CA LEU A 273 -12.59 -8.47 -11.53
C LEU A 273 -13.81 -7.75 -12.11
N PRO A 274 -14.98 -7.96 -11.55
CA PRO A 274 -16.19 -7.35 -12.11
C PRO A 274 -16.34 -5.90 -11.65
N ARG A 275 -17.23 -5.17 -12.32
CA ARG A 275 -17.48 -3.81 -11.93
C ARG A 275 -18.18 -3.78 -10.58
N PRO A 276 -17.67 -3.03 -9.59
CA PRO A 276 -18.36 -2.96 -8.30
C PRO A 276 -19.74 -2.35 -8.43
N ASP A 277 -20.67 -2.85 -7.59
CA ASP A 277 -21.99 -2.25 -7.49
C ASP A 277 -21.85 -0.75 -7.24
N GLY A 278 -22.59 0.04 -8.00
CA GLY A 278 -22.57 1.47 -7.84
C GLY A 278 -21.37 2.17 -8.44
N CYS A 279 -20.45 1.43 -9.07
CA CYS A 279 -19.28 2.15 -9.54
C CYS A 279 -19.56 2.69 -10.94
N PRO A 280 -19.30 3.97 -11.20
CA PRO A 280 -19.56 4.54 -12.53
C PRO A 280 -18.77 3.84 -13.62
N ASP A 281 -19.39 3.75 -14.80
CA ASP A 281 -18.73 3.10 -15.93
C ASP A 281 -17.38 3.74 -16.25
N GLU A 282 -17.29 5.07 -16.18
CA GLU A 282 -16.02 5.72 -16.51
C GLU A 282 -14.90 5.35 -15.53
N ILE A 283 -15.26 5.06 -14.27
CA ILE A 283 -14.24 4.63 -13.31
C ILE A 283 -13.85 3.17 -13.57
N TYR A 284 -14.82 2.31 -13.89
CA TYR A 284 -14.48 0.95 -14.25
C TYR A 284 -13.62 0.91 -15.50
N MET A 285 -13.85 1.84 -16.44
CA MET A 285 -13.02 1.91 -17.64
C MET A 285 -11.55 2.17 -17.29
N ILE A 286 -11.30 3.02 -16.30
CA ILE A 286 -9.93 3.24 -15.85
C ILE A 286 -9.31 1.94 -15.34
N MET A 287 -10.05 1.22 -14.50
CA MET A 287 -9.59 -0.09 -14.04
C MET A 287 -9.26 -0.99 -15.21
N THR A 288 -10.20 -1.08 -16.18
CA THR A 288 -10.04 -1.95 -17.33
C THR A 288 -8.79 -1.62 -18.12
N GLU A 289 -8.50 -0.32 -18.27
CA GLU A 289 -7.34 0.11 -19.05
C GLU A 289 -6.03 -0.14 -18.30
N CYS A 290 -6.03 -0.03 -16.97
CA CYS A 290 -4.87 -0.45 -16.21
C CYS A 290 -4.60 -1.95 -16.35
N TRP A 291 -5.66 -2.75 -16.46
CA TRP A 291 -5.54 -4.21 -16.55
C TRP A 291 -5.39 -4.66 -17.99
N ASN A 292 -4.41 -4.12 -18.69
CA ASN A 292 -4.13 -4.49 -20.07
C ASN A 292 -2.98 -5.48 -20.04
N ASN A 293 -3.17 -6.64 -20.69
CA ASN A 293 -2.06 -7.58 -20.77
C ASN A 293 -0.89 -7.01 -21.58
N ASN A 294 -1.16 -6.05 -22.46
CA ASN A 294 -0.11 -5.41 -23.23
C ASN A 294 0.50 -4.32 -22.33
N VAL A 295 1.71 -4.58 -21.85
CA VAL A 295 2.33 -3.74 -20.83
C VAL A 295 2.45 -2.30 -21.33
N ASN A 296 2.83 -2.12 -22.59
CA ASN A 296 3.07 -0.78 -23.09
C ASN A 296 1.81 0.02 -23.37
N GLN A 297 0.65 -0.63 -23.38
CA GLN A 297 -0.60 0.08 -23.59
C GLN A 297 -1.26 0.55 -22.30
N ARG A 298 -0.75 0.15 -21.14
CA ARG A 298 -1.30 0.68 -19.89
C ARG A 298 -1.05 2.18 -19.81
N PRO A 299 -1.97 2.94 -19.21
CA PRO A 299 -1.72 4.38 -19.03
C PRO A 299 -0.55 4.63 -18.08
N SER A 300 -0.01 5.84 -18.19
CA SER A 300 0.99 6.26 -17.24
C SER A 300 0.33 6.81 -15.99
N PHE A 301 1.09 6.92 -14.90
CA PHE A 301 0.53 7.55 -13.70
C PHE A 301 0.20 9.02 -13.94
N ARG A 302 0.94 9.70 -14.81
CA ARG A 302 0.61 11.09 -15.11
C ARG A 302 -0.72 11.17 -15.85
N ASP A 303 -0.96 10.24 -16.79
CA ASP A 303 -2.25 10.18 -17.47
C ASP A 303 -3.36 9.93 -16.47
N LEU A 304 -3.15 8.99 -15.56
CA LEU A 304 -4.20 8.62 -14.62
C LEU A 304 -4.53 9.77 -13.69
N ALA A 305 -3.53 10.46 -13.17
CA ALA A 305 -3.79 11.59 -12.28
C ALA A 305 -4.62 12.66 -12.99
N LEU A 306 -4.26 12.98 -14.24
CA LEU A 306 -5.01 14.00 -14.97
C LEU A 306 -6.44 13.56 -15.18
N ARG A 307 -6.66 12.30 -15.54
CA ARG A 307 -8.01 11.82 -15.81
C ARG A 307 -8.85 11.82 -14.56
N VAL A 308 -8.29 11.33 -13.45
CA VAL A 308 -9.03 11.28 -12.19
C VAL A 308 -9.35 12.68 -11.69
N ASP A 309 -8.41 13.61 -11.82
CA ASP A 309 -8.66 14.97 -11.36
C ASP A 309 -9.72 15.66 -12.22
N GLN A 310 -9.68 15.44 -13.53
CA GLN A 310 -10.70 16.02 -14.40
C GLN A 310 -12.09 15.49 -14.04
N ILE A 311 -12.21 14.19 -13.80
CA ILE A 311 -13.48 13.60 -13.40
C ILE A 311 -13.95 14.18 -12.07
N ARG A 312 -13.06 14.20 -11.07
CA ARG A 312 -13.40 14.71 -9.75
C ARG A 312 -14.01 16.09 -9.85
N ASP A 313 -13.41 16.96 -10.67
CA ASP A 313 -13.94 18.30 -10.84
C ASP A 313 -15.39 18.25 -11.32
N ASN A 314 -15.68 17.33 -12.24
CA ASN A 314 -17.01 17.32 -12.85
C ASN A 314 -18.07 16.81 -11.90
N MET A 315 -17.75 15.84 -11.06
CA MET A 315 -18.71 15.43 -10.05
C MET A 315 -18.81 16.41 -8.88
N ALA A 316 -17.83 17.28 -8.71
CA ALA A 316 -17.86 18.26 -7.63
C ALA A 316 -18.58 19.53 -8.08
C01 I6C B . 10.27 -6.57 -0.15
C02 I6C B . 10.18 -5.74 1.15
C04 I6C B . 11.42 -4.02 1.72
C05 I6C B . 11.69 -2.53 1.47
C07 I6C B . 10.76 -0.56 1.09
C08 I6C B . 9.67 0.46 1.54
C09 I6C B . 9.07 1.35 0.64
C10 I6C B . 8.11 2.27 1.10
C11 I6C B . 7.77 2.32 2.44
C12 I6C B . 8.37 1.41 3.32
C14 I6C B . 6.91 1.99 5.33
C16 I6C B . 6.89 2.05 6.84
C17 I6C B . 7.97 1.59 7.61
C18 I6C B . 7.92 1.69 9.00
C19 I6C B . 6.84 2.29 9.62
C20 I6C B . 6.75 2.45 11.15
C21 I6C B . 5.80 2.79 8.82
C22 I6C B . 5.83 2.68 7.45
C23 I6C B . 4.58 3.48 9.39
C26 I6C B . 1.54 3.13 11.28
C27 I6C B . 0.79 4.26 11.47
C29 I6C B . -1.19 3.27 12.66
C31 I6C B . -2.53 3.66 13.29
C32 I6C B . -3.00 2.85 14.50
C33 I6C B . -3.62 2.60 13.12
C35 I6C B . 2.50 4.87 10.35
C36 I6C B . 3.42 5.60 9.60
C37 I6C B . 4.49 4.88 9.11
C38 I6C B . 9.34 0.52 2.89
C39 I6C B . 7.42 3.23 0.13
C43 I6C B . 9.53 -2.28 0.77
C44 I6C B . 9.26 -3.77 1.06
F40 I6C B . 7.27 4.46 0.66
F41 I6C B . 6.18 2.77 -0.17
F42 I6C B . 8.14 3.36 -1.01
N03 I6C B . 10.41 -4.50 0.92
N06 I6C B . 10.53 -1.75 1.54
N13 I6C B . 8.10 1.47 4.75
N24 I6C B . 3.67 2.80 10.08
N25 I6C B . 2.59 3.58 10.55
N28 I6C B . -0.47 4.39 12.14
N34 I6C B . 1.34 5.32 10.92
O15 I6C B . 5.99 2.40 4.70
O30 I6C B . -0.75 2.16 12.62
C1 GOL C . 2.77 -6.00 1.09
O1 GOL C . 2.29 -7.29 0.80
C2 GOL C . 3.81 -6.09 2.20
O2 GOL C . 5.01 -5.50 1.83
C3 GOL C . 3.16 -5.36 3.44
O3 GOL C . 1.75 -5.56 3.41
#